data_4ZET
#
_entry.id   4ZET
#
_cell.length_a   37.559
_cell.length_b   67.645
_cell.length_c   118.142
_cell.angle_alpha   90.000
_cell.angle_beta   90.000
_cell.angle_gamma   90.000
#
_symmetry.space_group_name_H-M   'P 2 21 21'
#
loop_
_entity.id
_entity.type
_entity.pdbx_description
1 polymer 'C-type lectin domain family 4 member C'
2 branched beta-D-galactopyranose-(1-4)-2-acetamido-2-deoxy-beta-D-glucopyranose-(1-2)-alpha-D-mannopyranose
3 non-polymer 'CALCIUM ION'
#
_entity_poly.entity_id   1
_entity_poly.type   'polypeptide(L)'
_entity_poly.pdbx_seq_one_letter_code
;ALTCVMEGKDIEDWSCCPTPWTSFQSSCYFISTGMQSWTKSQKNCSVMGADLVVINTREEQDFIIQNLKRNSSYFLGLSD
PGGRRHWQWVDQTPYNENVTFWHSGEPNNLDERCAIINFRSSEEWGWNDIHCHVPQKSICKMKKIYI
;
_entity_poly.pdbx_strand_id   A,B
#
# COMPACT_ATOMS: atom_id res chain seq x y z
N ALA A 1 26.39 -12.96 10.10
CA ALA A 1 26.81 -11.87 10.97
C ALA A 1 25.84 -10.71 10.83
N LEU A 2 24.95 -10.59 11.80
CA LEU A 2 23.97 -9.53 11.84
C LEU A 2 24.52 -8.29 12.52
N THR A 3 24.00 -7.12 12.17
CA THR A 3 24.25 -5.91 12.95
C THR A 3 22.93 -5.50 13.55
N CYS A 4 22.94 -5.22 14.85
CA CYS A 4 21.71 -5.11 15.62
C CYS A 4 21.59 -3.80 16.35
N VAL A 5 20.41 -3.20 16.23
CA VAL A 5 20.13 -1.93 16.86
C VAL A 5 18.87 -1.97 17.71
N MET A 6 18.85 -1.12 18.71
CA MET A 6 17.78 -1.05 19.67
C MET A 6 16.71 -0.05 19.19
N GLU A 7 15.65 -0.57 18.58
CA GLU A 7 14.57 0.27 18.05
C GLU A 7 13.73 0.92 19.16
N GLY A 8 13.83 2.24 19.27
CA GLY A 8 13.13 2.95 20.32
C GLY A 8 13.77 2.69 21.67
N LYS A 9 13.10 3.13 22.72
CA LYS A 9 13.64 3.00 24.08
C LYS A 9 13.36 1.62 24.68
N ASP A 10 12.72 0.77 23.89
CA ASP A 10 12.40 -0.59 24.30
C ASP A 10 13.62 -1.51 24.15
N ILE A 11 13.92 -2.30 25.19
CA ILE A 11 15.23 -2.98 25.28
C ILE A 11 15.30 -4.39 24.69
N GLU A 12 14.17 -5.10 24.67
CA GLU A 12 14.18 -6.45 24.10
C GLU A 12 13.83 -6.40 22.62
N ASP A 13 13.71 -5.18 22.09
CA ASP A 13 13.51 -4.96 20.67
C ASP A 13 14.83 -4.74 19.96
N TRP A 14 15.46 -5.82 19.54
CA TRP A 14 16.66 -5.71 18.74
C TRP A 14 16.34 -6.13 17.33
N SER A 15 16.52 -5.22 16.37
CA SER A 15 16.35 -5.58 14.97
C SER A 15 17.71 -5.72 14.33
N CYS A 16 17.80 -6.50 13.26
CA CYS A 16 19.11 -6.81 12.68
C CYS A 16 19.12 -6.93 11.18
N CYS A 17 20.27 -6.57 10.61
CA CYS A 17 20.58 -6.64 9.18
C CYS A 17 21.88 -7.38 9.05
N PRO A 18 22.12 -8.04 7.91
CA PRO A 18 23.47 -8.53 7.68
C PRO A 18 24.39 -7.34 7.51
N THR A 19 25.61 -7.38 8.03
CA THR A 19 26.46 -6.17 8.16
C THR A 19 26.39 -5.15 7.02
N PRO A 20 26.55 -5.58 5.76
CA PRO A 20 26.59 -4.57 4.71
C PRO A 20 25.27 -3.86 4.47
N TRP A 21 24.17 -4.38 5.00
CA TRP A 21 22.88 -3.76 4.76
C TRP A 21 22.71 -2.58 5.69
N THR A 22 21.75 -1.72 5.39
CA THR A 22 21.48 -0.62 6.30
C THR A 22 20.00 -0.56 6.61
N SER A 23 19.67 -0.01 7.78
CA SER A 23 18.32 -0.12 8.31
C SER A 23 17.51 1.13 8.17
N PHE A 24 16.23 0.93 7.89
CA PHE A 24 15.24 1.98 8.07
C PHE A 24 13.90 1.35 8.41
N GLN A 25 13.41 1.64 9.61
CA GLN A 25 12.22 1.00 10.15
C GLN A 25 12.28 -0.53 10.13
N SER A 26 11.24 -1.14 9.57
CA SER A 26 11.06 -2.60 9.62
C SER A 26 11.93 -3.35 8.64
N SER A 27 12.66 -2.63 7.79
CA SER A 27 13.31 -3.24 6.66
C SER A 27 14.79 -2.96 6.55
N CYS A 28 15.46 -3.79 5.76
CA CYS A 28 16.90 -3.68 5.43
C CYS A 28 17.15 -3.35 3.96
N TYR A 29 18.18 -2.56 3.69
CA TYR A 29 18.46 -2.13 2.33
C TYR A 29 19.87 -2.38 1.87
N PHE A 30 20.04 -2.98 0.71
CA PHE A 30 21.38 -3.21 0.19
C PHE A 30 21.52 -2.61 -1.21
N ILE A 31 22.61 -1.89 -1.46
CA ILE A 31 22.91 -1.32 -2.79
C ILE A 31 23.89 -2.21 -3.55
N SER A 32 23.46 -2.78 -4.65
CA SER A 32 24.32 -3.66 -5.43
C SER A 32 24.98 -2.91 -6.56
N THR A 33 26.27 -2.64 -6.43
CA THR A 33 26.99 -1.80 -7.38
C THR A 33 27.46 -2.54 -8.64
N GLY A 34 27.14 -3.81 -8.72
CA GLY A 34 27.39 -4.54 -9.95
C GLY A 34 26.41 -4.09 -11.02
N MET A 35 26.72 -4.36 -12.28
CA MET A 35 25.89 -3.91 -13.41
C MET A 35 25.28 -5.11 -14.14
N GLN A 36 23.97 -5.32 -13.95
CA GLN A 36 23.26 -6.48 -14.50
C GLN A 36 21.85 -6.11 -14.97
N SER A 37 21.22 -6.98 -15.75
CA SER A 37 19.87 -6.71 -16.24
C SER A 37 18.88 -6.74 -15.10
N TRP A 38 17.64 -6.39 -15.37
CA TRP A 38 16.64 -6.30 -14.33
C TRP A 38 16.38 -7.69 -13.80
N THR A 39 16.12 -8.59 -14.73
CA THR A 39 15.89 -10.01 -14.45
C THR A 39 16.94 -10.59 -13.54
N LYS A 40 18.20 -10.47 -13.93
CA LYS A 40 19.30 -11.00 -13.14
C LYS A 40 19.39 -10.36 -11.78
N SER A 41 19.11 -9.06 -11.70
CA SER A 41 19.27 -8.32 -10.45
C SER A 41 18.26 -8.74 -9.38
N GLN A 42 17.06 -9.11 -9.82
CA GLN A 42 16.02 -9.58 -8.92
C GLN A 42 16.32 -10.99 -8.45
N LYS A 43 16.92 -11.78 -9.33
CA LYS A 43 17.41 -13.11 -8.96
C LYS A 43 18.61 -12.96 -8.01
N ASN A 44 19.32 -11.85 -8.13
CA ASN A 44 20.45 -11.54 -7.28
C ASN A 44 20.01 -11.32 -5.84
N CYS A 45 18.90 -10.63 -5.67
CA CYS A 45 18.27 -10.41 -4.36
C CYS A 45 17.51 -11.66 -3.87
N SER A 46 17.13 -12.54 -4.79
CA SER A 46 16.27 -13.66 -4.49
C SER A 46 17.00 -14.69 -3.65
N VAL A 47 18.27 -14.91 -3.98
CA VAL A 47 19.20 -15.60 -3.10
C VAL A 47 19.14 -14.94 -1.72
N MET A 48 19.78 -13.78 -1.60
CA MET A 48 19.85 -12.98 -0.36
C MET A 48 18.59 -13.03 0.54
N GLY A 49 17.52 -13.62 0.04
CA GLY A 49 16.26 -13.66 0.73
C GLY A 49 15.57 -12.32 0.65
N ALA A 50 15.75 -11.63 -0.48
CA ALA A 50 15.16 -10.32 -0.64
C ALA A 50 14.52 -10.15 -2.00
N ASP A 51 13.92 -8.98 -2.20
CA ASP A 51 13.41 -8.56 -3.50
C ASP A 51 14.15 -7.30 -3.93
N LEU A 52 13.92 -6.81 -5.15
CA LEU A 52 14.30 -5.46 -5.53
C LEU A 52 13.42 -4.48 -4.76
N VAL A 53 13.95 -3.32 -4.39
CA VAL A 53 13.28 -2.43 -3.45
C VAL A 53 11.87 -2.02 -3.91
N VAL A 54 10.96 -1.91 -2.96
CA VAL A 54 9.64 -1.43 -3.26
C VAL A 54 9.36 -0.16 -2.47
N ILE A 55 8.88 0.88 -3.14
CA ILE A 55 8.67 2.13 -2.45
C ILE A 55 7.20 2.47 -2.30
N ASN A 56 6.72 2.44 -1.05
CA ASN A 56 5.33 2.75 -0.73
C ASN A 56 5.18 4.20 -0.31
N THR A 57 6.16 4.71 0.42
CA THR A 57 5.99 6.01 1.05
C THR A 57 7.09 6.98 0.70
N ARG A 58 6.81 8.25 0.95
CA ARG A 58 7.74 9.32 0.67
C ARG A 58 8.93 9.23 1.61
N GLU A 59 8.71 8.75 2.83
CA GLU A 59 9.76 8.69 3.84
C GLU A 59 10.71 7.55 3.52
N GLU A 60 10.17 6.46 3.01
CA GLU A 60 10.99 5.37 2.58
C GLU A 60 11.83 5.85 1.43
N GLN A 61 11.16 6.31 0.38
CA GLN A 61 11.82 6.97 -0.76
C GLN A 61 12.94 7.91 -0.30
N ASP A 62 12.65 8.81 0.64
CA ASP A 62 13.67 9.72 1.17
C ASP A 62 14.87 9.04 1.81
N PHE A 63 14.63 7.98 2.59
CA PHE A 63 15.71 7.31 3.30
C PHE A 63 16.64 6.68 2.29
N ILE A 64 16.03 6.20 1.22
CA ILE A 64 16.74 5.44 0.21
C ILE A 64 17.78 6.29 -0.50
N ILE A 65 17.43 7.53 -0.87
CA ILE A 65 18.36 8.33 -1.68
C ILE A 65 19.59 8.76 -0.91
N GLN A 66 19.48 8.79 0.41
CA GLN A 66 20.63 9.09 1.26
C GLN A 66 21.76 8.06 1.10
N ASN A 67 21.48 6.93 0.45
CA ASN A 67 22.47 5.90 0.22
C ASN A 67 22.95 5.81 -1.23
N LEU A 68 22.38 6.66 -2.07
CA LEU A 68 22.61 6.60 -3.51
C LEU A 68 23.56 7.66 -3.95
N LYS A 69 24.27 7.39 -5.03
CA LYS A 69 25.04 8.42 -5.74
C LYS A 69 24.24 9.01 -6.93
N ARG A 70 24.25 10.34 -7.06
CA ARG A 70 23.46 11.01 -8.08
C ARG A 70 23.93 10.72 -9.51
N ASN A 71 25.22 10.41 -9.67
CA ASN A 71 25.69 10.03 -10.99
C ASN A 71 25.21 8.64 -11.41
N SER A 72 24.42 7.97 -10.57
CA SER A 72 24.02 6.59 -10.87
C SER A 72 22.51 6.34 -11.04
N SER A 73 22.20 5.23 -11.69
CA SER A 73 20.83 4.75 -11.86
C SER A 73 20.65 3.40 -11.20
N TYR A 74 19.65 3.29 -10.32
CA TYR A 74 19.38 2.02 -9.64
C TYR A 74 18.03 1.39 -9.96
N PHE A 75 18.05 0.14 -10.36
CA PHE A 75 16.81 -0.59 -10.62
C PHE A 75 15.85 -0.57 -9.43
N LEU A 76 14.56 -0.44 -9.72
CA LEU A 76 13.53 -0.62 -8.72
C LEU A 76 12.86 -1.95 -9.00
N GLY A 77 12.21 -2.51 -7.99
CA GLY A 77 11.40 -3.71 -8.15
C GLY A 77 10.03 -3.41 -8.72
N LEU A 78 10.01 -2.71 -9.83
CA LEU A 78 8.78 -2.25 -10.41
C LEU A 78 8.89 -2.40 -11.91
N SER A 79 7.92 -3.09 -12.50
CA SER A 79 7.94 -3.28 -13.94
C SER A 79 6.55 -3.35 -14.52
N ASP A 80 6.53 -3.60 -15.82
CA ASP A 80 5.33 -3.63 -16.65
C ASP A 80 5.53 -4.68 -17.75
N PRO A 81 5.79 -5.95 -17.35
CA PRO A 81 6.33 -6.99 -18.25
C PRO A 81 5.75 -7.05 -19.68
N GLY A 82 4.52 -6.54 -19.89
CA GLY A 82 3.91 -6.60 -21.21
C GLY A 82 3.60 -5.27 -21.89
N GLY A 83 4.17 -4.18 -21.39
CA GLY A 83 3.94 -2.86 -21.96
C GLY A 83 2.48 -2.40 -22.07
N ARG A 84 1.69 -2.67 -21.06
CA ARG A 84 0.27 -2.31 -21.07
C ARG A 84 -0.07 -1.22 -20.05
N ARG A 85 0.96 -0.61 -19.46
CA ARG A 85 0.86 0.36 -18.37
C ARG A 85 0.14 -0.21 -17.14
N HIS A 86 0.36 -1.50 -16.90
CA HIS A 86 -0.14 -2.22 -15.72
C HIS A 86 1.00 -2.58 -14.76
N TRP A 87 1.39 -1.64 -13.91
CA TRP A 87 2.63 -1.76 -13.16
C TRP A 87 2.55 -2.73 -11.99
N GLN A 88 3.62 -3.48 -11.79
CA GLN A 88 3.70 -4.49 -10.75
C GLN A 88 4.93 -4.31 -9.89
N TRP A 89 4.76 -4.46 -8.60
CA TRP A 89 5.87 -4.60 -7.68
C TRP A 89 6.27 -6.09 -7.49
N VAL A 90 7.55 -6.40 -7.28
CA VAL A 90 7.97 -7.80 -7.16
C VAL A 90 7.54 -8.51 -5.87
N ASP A 91 6.87 -7.77 -4.98
CA ASP A 91 6.54 -8.25 -3.64
C ASP A 91 5.03 -8.50 -3.56
N GLN A 92 4.37 -8.24 -4.68
CA GLN A 92 2.94 -8.41 -4.85
C GLN A 92 2.10 -7.45 -4.00
N THR A 93 2.62 -6.28 -3.66
CA THR A 93 1.77 -5.24 -3.08
C THR A 93 1.13 -4.37 -4.18
N PRO A 94 -0.02 -3.77 -3.87
CA PRO A 94 -0.74 -2.93 -4.84
C PRO A 94 0.10 -1.78 -5.38
N TYR A 95 -0.20 -1.34 -6.58
CA TYR A 95 0.48 -0.19 -7.15
C TYR A 95 -0.45 1.04 -7.12
N ASN A 96 -0.26 1.89 -6.10
CA ASN A 96 -1.08 3.08 -5.92
C ASN A 96 -0.44 4.31 -6.56
N GLU A 97 -0.98 4.73 -7.70
CA GLU A 97 -0.42 5.83 -8.47
C GLU A 97 -0.45 7.19 -7.72
N ASN A 98 -1.32 7.31 -6.72
CA ASN A 98 -1.35 8.51 -5.92
C ASN A 98 -0.16 8.61 -4.98
N VAL A 99 0.69 7.59 -4.97
CA VAL A 99 1.89 7.64 -4.13
C VAL A 99 3.10 7.06 -4.87
N THR A 100 3.32 7.56 -6.08
CA THR A 100 4.50 7.19 -6.84
C THR A 100 5.39 8.39 -6.93
N PHE A 101 6.54 8.22 -7.57
CA PHE A 101 7.49 9.31 -7.69
C PHE A 101 8.19 9.30 -9.06
N TRP A 102 7.42 9.21 -10.12
CA TRP A 102 8.00 9.37 -11.45
C TRP A 102 8.49 10.79 -11.70
N HIS A 103 9.51 10.91 -12.53
CA HIS A 103 9.89 12.19 -13.10
C HIS A 103 8.76 12.71 -13.97
N SER A 104 8.82 13.98 -14.32
CA SER A 104 7.80 14.56 -15.20
C SER A 104 7.84 13.87 -16.55
N GLY A 105 6.67 13.43 -16.99
CA GLY A 105 6.54 12.81 -18.28
C GLY A 105 7.22 11.46 -18.33
N GLU A 106 7.29 10.82 -17.16
CA GLU A 106 7.63 9.41 -17.03
C GLU A 106 6.43 8.76 -16.37
N PRO A 107 6.13 7.50 -16.72
CA PRO A 107 6.84 6.73 -17.75
C PRO A 107 6.40 7.14 -19.16
N ASN A 108 7.25 6.87 -20.14
CA ASN A 108 7.12 7.50 -21.45
C ASN A 108 7.36 6.57 -22.63
N ASN A 109 7.13 5.27 -22.45
CA ASN A 109 7.57 4.29 -23.43
C ASN A 109 7.08 2.90 -23.04
N LEU A 110 6.18 2.33 -23.84
CA LEU A 110 5.61 1.03 -23.52
C LEU A 110 6.64 -0.05 -23.78
N ASP A 111 7.71 0.33 -24.48
CA ASP A 111 8.81 -0.58 -24.76
C ASP A 111 9.79 -0.64 -23.60
N GLU A 112 9.84 0.44 -22.80
CA GLU A 112 10.64 0.49 -21.58
C GLU A 112 9.78 -0.02 -20.41
N ARG A 113 10.12 -1.21 -19.91
CA ARG A 113 9.22 -1.96 -19.04
C ARG A 113 9.81 -2.33 -17.69
N CYS A 114 10.91 -1.68 -17.31
CA CYS A 114 11.42 -1.73 -15.95
C CYS A 114 11.39 -0.31 -15.45
N ALA A 115 11.91 -0.09 -14.26
CA ALA A 115 11.95 1.25 -13.70
C ALA A 115 13.24 1.44 -12.93
N ILE A 116 13.85 2.60 -13.09
CA ILE A 116 15.01 2.99 -12.32
C ILE A 116 14.67 4.21 -11.50
N ILE A 117 15.40 4.44 -10.43
CA ILE A 117 15.38 5.72 -9.78
C ILE A 117 16.73 6.41 -10.10
N ASN A 118 16.70 7.72 -10.33
CA ASN A 118 17.93 8.46 -10.68
C ASN A 118 17.74 9.96 -10.52
N PHE A 119 18.79 10.72 -10.75
CA PHE A 119 18.79 12.11 -10.35
C PHE A 119 18.85 13.03 -11.54
N ARG A 120 17.91 13.99 -11.61
CA ARG A 120 17.88 15.00 -12.67
C ARG A 120 17.93 16.42 -12.09
N SER A 121 18.75 17.28 -12.68
CA SER A 121 18.89 18.63 -12.18
C SER A 121 17.53 19.27 -11.94
N SER A 122 17.31 19.66 -10.69
CA SER A 122 16.12 20.40 -10.22
C SER A 122 14.96 19.49 -9.84
N GLU A 123 14.66 18.48 -10.66
CA GLU A 123 13.64 17.50 -10.30
C GLU A 123 14.11 16.63 -9.13
N GLU A 124 15.43 16.64 -8.90
CA GLU A 124 16.08 15.77 -7.94
C GLU A 124 15.88 14.30 -8.31
N TRP A 125 15.51 13.48 -7.32
CA TRP A 125 15.36 12.04 -7.53
C TRP A 125 13.98 11.70 -8.03
N GLY A 126 13.85 10.59 -8.74
CA GLY A 126 12.58 10.16 -9.26
C GLY A 126 12.72 8.94 -10.13
N TRP A 127 11.61 8.44 -10.62
CA TRP A 127 11.61 7.21 -11.35
C TRP A 127 11.52 7.46 -12.83
N ASN A 128 11.98 6.48 -13.59
CA ASN A 128 11.98 6.54 -15.03
C ASN A 128 11.95 5.10 -15.54
N ASP A 129 11.19 4.83 -16.57
CA ASP A 129 11.24 3.51 -17.15
C ASP A 129 12.36 3.42 -18.17
N ILE A 130 13.03 2.27 -18.23
CA ILE A 130 14.10 2.01 -19.19
C ILE A 130 14.01 0.57 -19.75
N HIS A 131 15.03 0.13 -20.48
CA HIS A 131 15.06 -1.24 -21.03
C HIS A 131 15.74 -2.25 -20.10
N CYS A 132 15.09 -3.40 -19.91
CA CYS A 132 15.60 -4.46 -19.02
C CYS A 132 16.99 -5.01 -19.32
N HIS A 133 17.28 -5.34 -20.58
CA HIS A 133 18.59 -5.88 -20.92
C HIS A 133 19.72 -4.91 -20.56
N VAL A 134 19.41 -3.63 -20.50
CA VAL A 134 20.44 -2.63 -20.22
C VAL A 134 20.86 -2.72 -18.77
N PRO A 135 22.08 -3.20 -18.52
CA PRO A 135 22.56 -3.52 -17.17
C PRO A 135 22.66 -2.28 -16.31
N GLN A 136 22.21 -2.37 -15.06
CA GLN A 136 22.24 -1.24 -14.13
C GLN A 136 22.53 -1.75 -12.74
N LYS A 137 22.78 -0.83 -11.82
CA LYS A 137 22.82 -1.17 -10.39
C LYS A 137 21.40 -1.45 -9.84
N SER A 138 21.34 -1.83 -8.58
CA SER A 138 20.05 -2.19 -8.00
C SER A 138 20.01 -1.96 -6.49
N ILE A 139 18.80 -1.82 -5.97
CA ILE A 139 18.60 -1.79 -4.53
C ILE A 139 17.74 -2.98 -4.14
N CYS A 140 18.09 -3.63 -3.04
CA CYS A 140 17.31 -4.75 -2.55
C CYS A 140 16.66 -4.38 -1.25
N LYS A 141 15.60 -5.07 -0.89
CA LYS A 141 14.97 -4.80 0.38
C LYS A 141 14.42 -6.06 1.02
N MET A 142 14.77 -6.30 2.29
CA MET A 142 14.09 -7.35 3.04
C MET A 142 13.64 -6.88 4.39
N LYS A 143 12.83 -7.71 5.04
CA LYS A 143 12.36 -7.45 6.40
C LYS A 143 13.48 -7.74 7.38
N LYS A 144 13.56 -6.95 8.43
CA LYS A 144 14.61 -7.14 9.42
C LYS A 144 14.44 -8.46 10.19
N ILE A 145 15.56 -9.10 10.53
CA ILE A 145 15.58 -10.20 11.49
C ILE A 145 15.37 -9.63 12.91
N TYR A 146 14.58 -10.28 13.74
CA TYR A 146 14.47 -9.84 15.13
C TYR A 146 15.06 -10.82 16.12
N ILE A 147 15.68 -10.29 17.16
CA ILE A 147 16.15 -11.09 18.26
C ILE A 147 16.08 -10.26 19.55
N ALA B 1 -1.27 -17.48 -0.99
CA ALA B 1 -1.38 -17.45 -2.43
C ALA B 1 -2.08 -16.19 -2.97
N LEU B 2 -2.39 -16.21 -4.26
CA LEU B 2 -3.22 -15.18 -4.88
C LEU B 2 -4.40 -15.84 -5.53
N THR B 3 -5.49 -15.08 -5.71
CA THR B 3 -6.60 -15.53 -6.52
C THR B 3 -6.77 -14.63 -7.72
N CYS B 4 -6.63 -15.18 -8.91
CA CYS B 4 -6.71 -14.40 -10.14
C CYS B 4 -7.93 -14.73 -10.99
N VAL B 5 -8.52 -13.71 -11.61
CA VAL B 5 -9.50 -13.91 -12.67
C VAL B 5 -9.07 -13.10 -13.89
N MET B 6 -9.59 -13.47 -15.06
CA MET B 6 -9.31 -12.73 -16.29
C MET B 6 -10.34 -11.61 -16.47
N GLU B 7 -9.91 -10.37 -16.24
CA GLU B 7 -10.78 -9.20 -16.13
C GLU B 7 -11.31 -8.66 -17.48
N GLY B 8 -11.71 -7.39 -17.48
CA GLY B 8 -12.26 -6.73 -18.66
C GLY B 8 -12.02 -5.22 -18.69
N LYS B 9 -12.82 -4.51 -19.50
CA LYS B 9 -12.68 -3.07 -19.78
C LYS B 9 -11.30 -2.70 -20.36
N ASP B 10 -10.59 -1.78 -19.72
CA ASP B 10 -9.33 -1.25 -20.26
C ASP B 10 -8.10 -2.10 -19.87
N ILE B 11 -8.28 -3.41 -19.74
CA ILE B 11 -7.23 -4.31 -19.22
C ILE B 11 -7.03 -5.61 -20.05
N GLU B 12 -8.01 -6.52 -20.01
CA GLU B 12 -7.97 -7.84 -20.68
C GLU B 12 -6.77 -8.71 -20.25
N ASP B 13 -6.49 -8.69 -18.95
CA ASP B 13 -5.32 -9.33 -18.33
C ASP B 13 -5.71 -9.97 -17.00
N TRP B 14 -4.74 -10.60 -16.35
CA TRP B 14 -4.98 -11.27 -15.08
C TRP B 14 -4.77 -10.34 -13.89
N SER B 15 -5.84 -10.05 -13.16
CA SER B 15 -5.69 -9.34 -11.91
C SER B 15 -5.85 -10.33 -10.76
N CYS B 16 -5.27 -10.00 -9.62
CA CYS B 16 -5.20 -10.93 -8.51
C CYS B 16 -5.49 -10.32 -7.15
N CYS B 17 -5.82 -11.18 -6.20
CA CYS B 17 -6.13 -10.79 -4.86
C CYS B 17 -5.36 -11.74 -3.98
N PRO B 18 -4.90 -11.29 -2.83
CA PRO B 18 -4.31 -12.31 -1.95
C PRO B 18 -5.39 -13.09 -1.21
N THR B 19 -5.22 -14.40 -1.11
CA THR B 19 -6.10 -15.19 -0.28
C THR B 19 -5.91 -14.72 1.16
N PRO B 20 -7.00 -14.55 1.88
CA PRO B 20 -8.33 -14.84 1.36
C PRO B 20 -9.19 -13.60 1.22
N TRP B 21 -8.64 -12.51 0.69
CA TRP B 21 -9.41 -11.29 0.42
C TRP B 21 -10.44 -11.56 -0.65
N THR B 22 -11.65 -11.03 -0.50
CA THR B 22 -12.64 -11.14 -1.56
C THR B 22 -12.54 -9.91 -2.42
N SER B 23 -12.87 -10.04 -3.69
CA SER B 23 -12.65 -8.95 -4.62
C SER B 23 -13.91 -8.52 -5.32
N PHE B 24 -13.88 -7.32 -5.89
CA PHE B 24 -15.02 -6.75 -6.54
C PHE B 24 -14.50 -5.64 -7.39
N GLN B 25 -14.91 -5.61 -8.66
CA GLN B 25 -14.39 -4.63 -9.61
C GLN B 25 -12.87 -4.58 -9.55
N SER B 26 -12.34 -3.46 -9.09
CA SER B 26 -10.90 -3.30 -9.18
C SER B 26 -10.18 -3.31 -7.84
N SER B 27 -10.75 -3.98 -6.85
CA SER B 27 -10.21 -3.91 -5.50
C SER B 27 -10.44 -5.15 -4.67
N CYS B 28 -9.73 -5.22 -3.55
CA CYS B 28 -9.78 -6.33 -2.61
C CYS B 28 -10.36 -5.90 -1.29
N TYR B 29 -11.16 -6.76 -0.69
CA TYR B 29 -11.73 -6.43 0.58
C TYR B 29 -11.44 -7.52 1.57
N PHE B 30 -11.37 -7.16 2.85
CA PHE B 30 -11.04 -8.11 3.88
C PHE B 30 -11.71 -7.72 5.20
N ILE B 31 -12.48 -8.64 5.77
CA ILE B 31 -13.16 -8.31 7.02
C ILE B 31 -12.36 -8.79 8.21
N SER B 32 -11.90 -7.84 9.01
CA SER B 32 -11.26 -8.15 10.27
C SER B 32 -12.33 -8.51 11.31
N THR B 33 -12.36 -9.76 11.75
CA THR B 33 -13.32 -10.23 12.76
C THR B 33 -12.91 -9.84 14.18
N GLY B 34 -11.64 -9.49 14.34
CA GLY B 34 -11.12 -9.05 15.62
C GLY B 34 -11.37 -7.59 15.94
N MET B 35 -11.90 -7.35 17.14
CA MET B 35 -12.20 -6.00 17.60
C MET B 35 -10.94 -5.28 18.09
N GLN B 36 -10.77 -4.03 17.65
CA GLN B 36 -9.61 -3.17 17.91
C GLN B 36 -10.01 -1.71 17.69
N SER B 37 -9.20 -0.76 18.14
CA SER B 37 -9.52 0.66 17.96
C SER B 37 -9.32 1.12 16.52
N TRP B 38 -9.72 2.35 16.19
CA TRP B 38 -9.57 2.86 14.81
C TRP B 38 -8.11 2.90 14.39
N THR B 39 -7.28 3.58 15.15
CA THR B 39 -5.88 3.73 14.76
C THR B 39 -5.20 2.35 14.75
N LYS B 40 -5.59 1.51 15.71
CA LYS B 40 -5.03 0.16 15.76
C LYS B 40 -5.46 -0.65 14.54
N SER B 41 -6.72 -0.51 14.15
CA SER B 41 -7.25 -1.21 13.00
C SER B 41 -6.65 -0.69 11.70
N GLN B 42 -6.36 0.60 11.66
CA GLN B 42 -5.71 1.16 10.49
C GLN B 42 -4.30 0.61 10.36
N LYS B 43 -3.68 0.28 11.49
CA LYS B 43 -2.32 -0.25 11.50
C LYS B 43 -2.35 -1.69 11.07
N ASN B 44 -3.35 -2.39 11.58
CA ASN B 44 -3.62 -3.77 11.23
C ASN B 44 -3.68 -3.94 9.71
N CYS B 45 -4.51 -3.11 9.07
CA CYS B 45 -4.62 -3.06 7.61
C CYS B 45 -3.30 -2.74 6.91
N SER B 46 -2.56 -1.80 7.47
CA SER B 46 -1.29 -1.33 6.89
C SER B 46 -0.25 -2.43 6.69
N VAL B 47 -0.04 -3.24 7.73
CA VAL B 47 0.94 -4.32 7.65
C VAL B 47 0.57 -5.27 6.51
N MET B 48 -0.74 -5.41 6.27
CA MET B 48 -1.26 -6.32 5.26
C MET B 48 -1.20 -5.71 3.88
N GLY B 49 -0.69 -4.48 3.79
CA GLY B 49 -0.52 -3.81 2.52
C GLY B 49 -1.63 -2.86 2.13
N ALA B 50 -2.70 -2.86 2.93
CA ALA B 50 -3.89 -2.10 2.60
C ALA B 50 -4.09 -0.90 3.51
N ASP B 51 -5.30 -0.37 3.50
CA ASP B 51 -5.76 0.60 4.48
C ASP B 51 -7.18 0.25 4.89
N LEU B 52 -7.75 1.07 5.74
CA LEU B 52 -9.18 0.95 6.03
C LEU B 52 -10.00 1.30 4.80
N VAL B 53 -11.21 0.79 4.72
CA VAL B 53 -11.95 0.87 3.47
C VAL B 53 -12.45 2.29 3.18
N VAL B 54 -12.22 2.73 1.95
CA VAL B 54 -12.83 3.94 1.40
C VAL B 54 -13.94 3.55 0.43
N ILE B 55 -15.09 4.22 0.52
CA ILE B 55 -16.28 3.88 -0.26
C ILE B 55 -16.74 5.03 -1.17
N ASN B 56 -16.88 4.75 -2.47
CA ASN B 56 -17.15 5.80 -3.44
C ASN B 56 -18.42 5.59 -4.25
N THR B 57 -18.70 4.34 -4.62
CA THR B 57 -19.88 4.05 -5.39
C THR B 57 -20.89 3.31 -4.51
N ARG B 58 -22.13 3.19 -4.97
CA ARG B 58 -23.11 2.43 -4.22
C ARG B 58 -22.89 0.92 -4.41
N GLU B 59 -22.24 0.55 -5.51
CA GLU B 59 -21.97 -0.85 -5.80
C GLU B 59 -20.91 -1.40 -4.85
N GLU B 60 -19.96 -0.55 -4.46
CA GLU B 60 -18.99 -0.95 -3.46
C GLU B 60 -19.70 -1.26 -2.16
N GLN B 61 -20.34 -0.24 -1.57
CA GLN B 61 -21.17 -0.38 -0.38
C GLN B 61 -21.99 -1.67 -0.33
N ASP B 62 -22.68 -1.94 -1.44
CA ASP B 62 -23.58 -3.08 -1.54
C ASP B 62 -22.84 -4.40 -1.57
N PHE B 63 -21.66 -4.40 -2.18
CA PHE B 63 -20.85 -5.61 -2.27
C PHE B 63 -20.28 -5.96 -0.92
N ILE B 64 -19.86 -4.93 -0.20
CA ILE B 64 -19.28 -5.12 1.11
C ILE B 64 -20.32 -5.71 2.05
N ILE B 65 -21.57 -5.30 1.90
CA ILE B 65 -22.62 -5.65 2.84
C ILE B 65 -22.93 -7.15 2.90
N GLN B 66 -22.87 -7.81 1.75
CA GLN B 66 -23.14 -9.25 1.72
C GLN B 66 -22.07 -10.06 2.45
N ASN B 67 -21.06 -9.35 2.96
CA ASN B 67 -19.98 -9.98 3.69
C ASN B 67 -20.01 -9.59 5.18
N LEU B 68 -21.02 -8.81 5.56
CA LEU B 68 -21.15 -8.35 6.94
C LEU B 68 -22.25 -9.07 7.69
N LYS B 69 -22.18 -9.00 9.02
CA LYS B 69 -23.19 -9.55 9.92
C LYS B 69 -24.00 -8.42 10.52
N ARG B 70 -25.32 -8.53 10.50
CA ARG B 70 -26.21 -7.45 10.95
C ARG B 70 -26.01 -7.02 12.39
N ASN B 71 -25.71 -7.99 13.25
CA ASN B 71 -25.47 -7.71 14.66
C ASN B 71 -24.15 -7.02 14.95
N SER B 72 -23.29 -6.86 13.95
CA SER B 72 -21.95 -6.31 14.17
C SER B 72 -21.73 -4.92 13.53
N SER B 73 -20.65 -4.25 13.95
CA SER B 73 -20.26 -2.94 13.43
C SER B 73 -18.84 -2.97 12.84
N TYR B 74 -18.57 -2.09 11.88
CA TYR B 74 -17.30 -2.14 11.17
C TYR B 74 -16.69 -0.78 10.86
N PHE B 75 -15.40 -0.61 11.14
CA PHE B 75 -14.73 0.67 10.88
C PHE B 75 -14.49 0.97 9.41
N LEU B 76 -14.64 2.25 9.06
CA LEU B 76 -14.28 2.76 7.73
C LEU B 76 -13.04 3.60 7.83
N GLY B 77 -12.50 3.95 6.67
CA GLY B 77 -11.32 4.78 6.63
C GLY B 77 -11.76 6.21 6.50
N LEU B 78 -12.53 6.63 7.48
CA LEU B 78 -13.21 7.91 7.40
C LEU B 78 -13.22 8.57 8.77
N SER B 79 -12.52 9.70 8.87
CA SER B 79 -12.26 10.31 10.16
C SER B 79 -12.37 11.81 10.12
N ASP B 80 -12.61 12.37 11.31
CA ASP B 80 -12.76 13.82 11.50
C ASP B 80 -11.79 14.32 12.57
N PRO B 81 -10.53 14.55 12.18
CA PRO B 81 -9.42 14.71 13.14
C PRO B 81 -9.60 15.85 14.15
N GLY B 82 -9.99 17.04 13.68
CA GLY B 82 -10.09 18.17 14.57
C GLY B 82 -11.43 18.32 15.29
N GLY B 83 -12.36 17.42 15.00
CA GLY B 83 -13.73 17.59 15.46
C GLY B 83 -14.33 18.76 14.71
N ARG B 84 -13.77 19.05 13.54
CA ARG B 84 -14.08 20.25 12.75
C ARG B 84 -15.20 20.05 11.70
N ARG B 85 -15.90 18.91 11.78
CA ARG B 85 -16.79 18.43 10.72
C ARG B 85 -16.09 18.45 9.36
N HIS B 86 -14.79 18.17 9.40
CA HIS B 86 -14.00 18.11 8.19
C HIS B 86 -13.57 16.68 7.98
N TRP B 87 -14.41 15.96 7.25
CA TRP B 87 -14.18 14.54 6.99
C TRP B 87 -13.14 14.28 5.92
N GLN B 88 -12.29 13.31 6.19
CA GLN B 88 -11.32 12.88 5.21
C GLN B 88 -11.21 11.35 5.19
N TRP B 89 -11.06 10.80 3.99
CA TRP B 89 -10.80 9.38 3.83
C TRP B 89 -9.36 9.09 4.19
N VAL B 90 -9.09 7.83 4.47
CA VAL B 90 -7.81 7.42 5.05
C VAL B 90 -6.66 7.42 4.03
N ASP B 91 -7.00 7.48 2.74
CA ASP B 91 -5.95 7.61 1.73
C ASP B 91 -6.13 8.85 0.82
N GLN B 92 -6.44 9.97 1.46
CA GLN B 92 -6.47 11.28 0.82
C GLN B 92 -7.33 11.30 -0.44
N THR B 93 -8.44 10.59 -0.40
CA THR B 93 -9.50 10.73 -1.37
C THR B 93 -10.35 11.91 -0.93
N PRO B 94 -10.75 12.78 -1.85
CA PRO B 94 -11.61 13.90 -1.46
C PRO B 94 -12.90 13.37 -0.87
N TYR B 95 -13.40 14.01 0.17
CA TYR B 95 -14.66 13.57 0.76
C TYR B 95 -15.78 14.08 -0.13
N ASN B 96 -16.06 13.32 -1.19
CA ASN B 96 -17.15 13.63 -2.10
C ASN B 96 -18.48 13.29 -1.45
N GLU B 97 -19.19 14.34 -1.01
CA GLU B 97 -20.35 14.21 -0.14
C GLU B 97 -21.66 13.99 -0.91
N ASN B 98 -21.58 13.98 -2.24
CA ASN B 98 -22.74 13.59 -3.05
C ASN B 98 -22.78 12.07 -3.19
N VAL B 99 -21.76 11.41 -2.65
CA VAL B 99 -21.80 9.96 -2.42
C VAL B 99 -21.39 9.63 -0.98
N THR B 100 -22.37 9.68 -0.09
CA THR B 100 -22.22 9.31 1.31
C THR B 100 -23.45 8.54 1.72
N PHE B 101 -23.26 7.55 2.59
CA PHE B 101 -24.37 6.72 3.03
C PHE B 101 -24.54 6.79 4.54
N TRP B 102 -24.54 8.00 5.09
CA TRP B 102 -24.82 8.18 6.52
C TRP B 102 -26.22 7.77 6.87
N HIS B 103 -26.37 7.04 7.97
CA HIS B 103 -27.66 6.84 8.61
C HIS B 103 -28.38 8.18 8.80
N SER B 104 -29.70 8.16 8.77
CA SER B 104 -30.51 9.34 9.04
C SER B 104 -30.08 10.02 10.32
N GLY B 105 -29.92 11.33 10.27
CA GLY B 105 -29.59 12.08 11.45
C GLY B 105 -28.14 11.92 11.88
N GLU B 106 -27.29 11.57 10.92
CA GLU B 106 -25.88 11.36 11.22
C GLU B 106 -25.02 12.05 10.17
N PRO B 107 -23.79 12.46 10.53
CA PRO B 107 -23.13 12.38 11.84
C PRO B 107 -23.64 13.41 12.87
N ASN B 108 -23.97 12.95 14.09
CA ASN B 108 -24.71 13.79 15.03
C ASN B 108 -23.97 14.21 16.32
N ASN B 109 -22.66 14.33 16.26
CA ASN B 109 -21.86 14.51 17.48
C ASN B 109 -20.41 14.88 17.11
N LEU B 110 -19.87 15.92 17.71
CA LEU B 110 -18.56 16.40 17.31
C LEU B 110 -17.43 15.65 18.00
N ASP B 111 -17.82 14.89 19.02
CA ASP B 111 -16.90 14.13 19.84
C ASP B 111 -16.57 12.81 19.18
N GLU B 112 -17.52 12.31 18.41
CA GLU B 112 -17.34 11.11 17.61
C GLU B 112 -16.64 11.50 16.31
N ARG B 113 -15.35 11.16 16.22
CA ARG B 113 -14.49 11.60 15.14
C ARG B 113 -14.21 10.48 14.14
N CYS B 114 -14.90 9.35 14.32
CA CYS B 114 -14.73 8.18 13.46
C CYS B 114 -16.05 7.73 12.90
N ALA B 115 -15.99 6.88 11.87
CA ALA B 115 -17.19 6.36 11.24
C ALA B 115 -17.18 4.84 11.19
N ILE B 116 -18.28 4.23 11.60
CA ILE B 116 -18.48 2.80 11.46
C ILE B 116 -19.54 2.56 10.40
N ILE B 117 -19.85 1.30 10.13
CA ILE B 117 -21.03 0.99 9.35
C ILE B 117 -21.78 -0.07 10.14
N ASN B 118 -23.09 0.03 10.17
CA ASN B 118 -23.86 -0.93 10.93
C ASN B 118 -25.29 -0.99 10.47
N PHE B 119 -26.04 -1.93 11.04
CA PHE B 119 -27.40 -2.20 10.62
C PHE B 119 -28.36 -1.59 11.61
N ARG B 120 -29.36 -0.88 11.13
CA ARG B 120 -30.43 -0.43 11.99
C ARG B 120 -31.76 -0.84 11.39
N SER B 121 -32.66 -1.32 12.24
CA SER B 121 -33.89 -1.92 11.75
C SER B 121 -34.72 -0.88 11.04
N SER B 122 -34.65 0.36 11.48
CA SER B 122 -35.46 1.43 10.89
C SER B 122 -35.03 1.78 9.46
N GLU B 123 -33.80 1.45 9.08
CA GLU B 123 -33.28 1.81 7.75
C GLU B 123 -32.05 1.03 7.33
N GLU B 124 -31.93 -0.20 7.81
CA GLU B 124 -30.96 -1.16 7.30
C GLU B 124 -29.51 -0.66 7.45
N TRP B 125 -28.72 -0.78 6.40
CA TRP B 125 -27.30 -0.42 6.50
C TRP B 125 -27.03 1.05 6.28
N GLY B 126 -26.02 1.56 6.96
CA GLY B 126 -25.59 2.91 6.75
C GLY B 126 -24.39 3.22 7.63
N TRP B 127 -23.85 4.42 7.48
CA TRP B 127 -22.71 4.85 8.29
C TRP B 127 -23.19 5.59 9.52
N ASN B 128 -22.39 5.52 10.58
CA ASN B 128 -22.65 6.24 11.84
C ASN B 128 -21.31 6.67 12.43
N ASP B 129 -21.28 7.84 13.08
CA ASP B 129 -20.06 8.29 13.74
C ASP B 129 -20.06 7.88 15.22
N ILE B 130 -18.95 7.30 15.66
CA ILE B 130 -18.82 6.81 17.03
C ILE B 130 -17.50 7.24 17.65
N HIS B 131 -17.32 6.94 18.95
CA HIS B 131 -16.05 7.25 19.61
C HIS B 131 -14.97 6.28 19.15
N CYS B 132 -13.85 6.85 18.73
CA CYS B 132 -12.72 6.13 18.12
C CYS B 132 -12.08 5.03 18.94
N HIS B 133 -12.33 5.02 20.24
CA HIS B 133 -11.62 4.11 21.12
C HIS B 133 -12.34 2.79 21.31
N VAL B 134 -13.67 2.80 21.26
CA VAL B 134 -14.49 1.60 21.43
C VAL B 134 -14.24 0.59 20.32
N PRO B 135 -13.55 -0.51 20.63
CA PRO B 135 -13.11 -1.45 19.60
C PRO B 135 -14.24 -2.01 18.73
N GLN B 136 -13.99 -2.08 17.44
CA GLN B 136 -14.97 -2.61 16.51
C GLN B 136 -14.26 -3.55 15.56
N LYS B 137 -15.03 -4.23 14.73
CA LYS B 137 -14.46 -4.94 13.60
C LYS B 137 -14.09 -3.92 12.53
N SER B 138 -13.25 -4.29 11.58
CA SER B 138 -12.88 -3.33 10.55
C SER B 138 -12.99 -3.92 9.13
N ILE B 139 -12.97 -3.05 8.14
CA ILE B 139 -12.93 -3.50 6.76
C ILE B 139 -11.70 -2.95 6.04
N CYS B 140 -10.84 -3.83 5.55
CA CYS B 140 -9.63 -3.45 4.83
C CYS B 140 -9.81 -3.52 3.34
N LYS B 141 -9.17 -2.61 2.61
CA LYS B 141 -9.26 -2.60 1.14
C LYS B 141 -7.97 -2.20 0.44
N MET B 142 -7.60 -2.93 -0.60
CA MET B 142 -6.45 -2.59 -1.43
C MET B 142 -6.74 -2.80 -2.89
N LYS B 143 -5.88 -2.30 -3.75
CA LYS B 143 -6.06 -2.54 -5.17
C LYS B 143 -5.73 -3.99 -5.51
N LYS B 144 -6.38 -4.51 -6.55
CA LYS B 144 -5.98 -5.77 -7.13
C LYS B 144 -4.60 -5.58 -7.71
N ILE B 145 -3.90 -6.66 -7.97
CA ILE B 145 -2.57 -6.56 -8.52
C ILE B 145 -2.50 -7.31 -9.82
N TYR B 146 -1.46 -7.04 -10.61
CA TYR B 146 -1.21 -7.85 -11.80
C TYR B 146 0.01 -8.71 -11.57
N ILE B 147 0.04 -9.92 -12.12
CA ILE B 147 1.24 -10.75 -12.08
C ILE B 147 1.69 -11.22 -13.47
#